data_4F6N
#
_entry.id   4F6N
#
_cell.length_a   44.049
_cell.length_b   183.402
_cell.length_c   230.138
_cell.angle_alpha   90.00
_cell.angle_beta   90.00
_cell.angle_gamma   90.00
#
_symmetry.space_group_name_H-M   'F 2 2 2'
#
loop_
_entity.id
_entity.type
_entity.pdbx_description
1 polymer 'Transcriptional regulator Kaiso'
2 polymer "DNA (5'-D(*GP*TP*GP*TP*CP*AP*CP*(5CM)P*GP*(5CM)P*GP*TP*CP*TP*AP*TP*AP*CP*G)-3')"
3 polymer "DNA (5'-D(*CP*GP*TP*AP*TP*AP*GP*AP*(5CM)P*GP*(5CM)P*GP*GP*TP*GP*AP*CP*AP*C)-3')"
4 non-polymer 'ZINC ION'
5 non-polymer GLYCEROL
6 water water
#
loop_
_entity_poly.entity_id
_entity_poly.type
_entity_poly.pdbx_seq_one_letter_code
_entity_poly.pdbx_strand_id
1 'polypeptide(L)'
;ANKRMKVKHDDHYELIVDGRVYYICIVCKRSYVCLTSLRRHFNIHSWEKKYPCRYCEKVFPLAEYRTKHEIHHTGERRYQ
CLACGKSFINYQFMSSHIKSVHSQDPSGDSKLYRLHPCRSLQIRQYAYLSDRS
;
A
2 'polydeoxyribonucleotide' (DG)(DT)(DG)(DT)(DC)(DA)(DC)(5CM)(DG)(5CM)(DG)(DT)(DC)(DT)(DA)(DT)(DA)(DC)(DG) D
3 'polydeoxyribonucleotide' (DC)(DG)(DT)(DA)(DT)(DA)(DG)(DA)(5CM)(DG)(5CM)(DG)(DG)(DT)(DG)(DA)(DC)(DA)(DC) E
#
# COMPACT_ATOMS: atom_id res chain seq x y z
N ASP A 10 1.82 -23.44 3.58
CA ASP A 10 3.25 -23.35 4.05
C ASP A 10 4.25 -24.04 3.11
N ASP A 11 4.55 -23.36 1.99
CA ASP A 11 5.64 -23.77 1.06
C ASP A 11 6.05 -22.69 0.04
N HIS A 12 7.31 -22.79 -0.38
CA HIS A 12 7.98 -21.92 -1.34
C HIS A 12 9.33 -22.59 -1.58
N TYR A 13 10.16 -22.04 -2.46
CA TYR A 13 11.53 -22.55 -2.61
C TYR A 13 12.56 -21.44 -2.86
N GLU A 14 13.79 -21.69 -2.43
CA GLU A 14 14.86 -20.67 -2.48
C GLU A 14 15.70 -20.75 -3.76
N LEU A 15 16.39 -19.66 -4.05
CA LEU A 15 17.16 -19.52 -5.29
C LEU A 15 18.28 -18.52 -5.05
N ILE A 16 19.52 -18.94 -5.29
CA ILE A 16 20.68 -18.12 -4.93
C ILE A 16 21.56 -17.76 -6.15
N VAL A 17 21.62 -16.47 -6.48
CA VAL A 17 22.48 -15.97 -7.56
C VAL A 17 23.55 -15.02 -7.02
N ASP A 18 24.82 -15.41 -7.19
CA ASP A 18 25.98 -14.71 -6.62
C ASP A 18 25.65 -13.89 -5.36
N GLY A 19 25.44 -14.60 -4.24
CA GLY A 19 25.16 -13.97 -2.97
C GLY A 19 23.66 -13.78 -2.71
N ARG A 20 23.01 -12.98 -3.55
CA ARG A 20 21.58 -12.67 -3.39
C ARG A 20 20.71 -13.93 -3.28
N VAL A 21 19.91 -13.98 -2.21
CA VAL A 21 18.92 -15.05 -2.00
C VAL A 21 17.56 -14.55 -2.49
N TYR A 22 16.85 -15.40 -3.24
CA TYR A 22 15.49 -15.09 -3.67
C TYR A 22 14.54 -16.19 -3.20
N TYR A 23 13.30 -15.80 -2.93
CA TYR A 23 12.29 -16.75 -2.52
C TYR A 23 11.23 -16.85 -3.61
N ILE A 24 11.00 -18.08 -4.09
CA ILE A 24 10.06 -18.32 -5.19
C ILE A 24 8.79 -19.00 -4.69
N CYS A 25 7.65 -18.49 -5.15
CA CYS A 25 6.34 -19.00 -4.76
C CYS A 25 6.06 -20.36 -5.42
N ILE A 26 5.72 -21.39 -4.63
CA ILE A 26 5.49 -22.74 -5.20
C ILE A 26 4.38 -22.79 -6.24
N VAL A 27 3.42 -21.88 -6.16
CA VAL A 27 2.26 -21.88 -7.05
C VAL A 27 2.54 -21.16 -8.37
N CYS A 28 2.82 -19.87 -8.31
CA CYS A 28 2.90 -19.05 -9.53
C CYS A 28 4.34 -18.65 -9.89
N LYS A 29 5.27 -18.96 -9.00
CA LYS A 29 6.72 -18.80 -9.25
C LYS A 29 7.25 -17.37 -9.40
N ARG A 30 6.56 -16.40 -8.82
CA ARG A 30 7.10 -15.04 -8.71
C ARG A 30 8.27 -15.03 -7.73
N SER A 31 9.21 -14.11 -7.91
CA SER A 31 10.38 -14.04 -7.03
C SER A 31 10.25 -12.92 -6.00
N TYR A 32 10.88 -13.10 -4.85
CA TYR A 32 10.78 -12.13 -3.76
C TYR A 32 12.11 -12.02 -3.03
N VAL A 33 12.53 -10.79 -2.76
CA VAL A 33 13.79 -10.53 -2.03
C VAL A 33 13.60 -10.77 -0.53
N CYS A 34 12.35 -10.80 -0.08
CA CYS A 34 12.02 -10.88 1.34
C CYS A 34 10.94 -11.92 1.61
N LEU A 35 11.23 -12.87 2.49
CA LEU A 35 10.28 -13.92 2.82
C LEU A 35 8.94 -13.32 3.26
N THR A 36 9.00 -12.26 4.06
CA THR A 36 7.85 -11.45 4.43
C THR A 36 6.92 -11.18 3.25
N SER A 37 7.49 -10.72 2.13
CA SER A 37 6.68 -10.34 0.99
C SER A 37 6.05 -11.55 0.34
N LEU A 38 6.76 -12.68 0.37
CA LEU A 38 6.21 -13.92 -0.17
C LEU A 38 4.99 -14.37 0.64
N ARG A 39 5.16 -14.48 1.95
CA ARG A 39 4.06 -14.83 2.85
C ARG A 39 2.85 -13.94 2.55
N ARG A 40 3.08 -12.64 2.48
CA ARG A 40 2.00 -11.68 2.23
C ARG A 40 1.30 -11.97 0.92
N HIS A 41 2.08 -12.23 -0.12
CA HIS A 41 1.54 -12.59 -1.42
C HIS A 41 0.88 -13.97 -1.42
N PHE A 42 1.52 -14.94 -0.78
CA PHE A 42 1.08 -16.33 -0.90
C PHE A 42 -0.39 -16.51 -0.57
N ASN A 43 -0.93 -15.55 0.18
CA ASN A 43 -2.33 -15.63 0.58
C ASN A 43 -3.29 -15.59 -0.61
N ILE A 44 -2.98 -14.77 -1.62
CA ILE A 44 -3.74 -14.77 -2.88
C ILE A 44 -4.14 -16.19 -3.30
N HIS A 45 -3.25 -17.15 -3.05
CA HIS A 45 -3.52 -18.57 -3.30
C HIS A 45 -4.14 -19.27 -2.09
N SER A 46 -3.49 -19.11 -0.94
CA SER A 46 -3.84 -19.79 0.31
C SER A 46 -5.27 -19.48 0.81
N TRP A 47 -5.57 -18.19 0.98
CA TRP A 47 -6.78 -17.70 1.66
C TRP A 47 -6.86 -18.19 3.12
N GLU A 48 -5.71 -18.50 3.71
CA GLU A 48 -5.63 -18.90 5.12
C GLU A 48 -6.09 -17.76 6.01
N LYS A 49 -5.74 -16.53 5.65
CA LYS A 49 -6.26 -15.36 6.34
C LYS A 49 -7.30 -14.62 5.49
N LYS A 50 -8.29 -14.04 6.16
CA LYS A 50 -9.33 -13.23 5.53
C LYS A 50 -9.29 -11.81 6.07
N TYR A 51 -9.53 -10.84 5.19
CA TYR A 51 -9.62 -9.43 5.59
C TYR A 51 -10.93 -8.88 5.06
N PRO A 52 -12.01 -9.08 5.84
CA PRO A 52 -13.33 -8.57 5.46
C PRO A 52 -13.43 -7.05 5.64
N CYS A 53 -14.12 -6.38 4.72
CA CYS A 53 -14.44 -4.98 4.87
C CYS A 53 -15.41 -4.82 6.02
N ARG A 54 -15.17 -3.83 6.86
CA ARG A 54 -16.04 -3.56 7.99
C ARG A 54 -17.26 -2.70 7.58
N TYR A 55 -17.40 -2.42 6.28
CA TYR A 55 -18.51 -1.59 5.77
C TYR A 55 -19.42 -2.27 4.74
N CYS A 56 -18.88 -3.27 4.04
CA CYS A 56 -19.69 -4.14 3.19
C CYS A 56 -19.22 -5.57 3.35
N GLU A 57 -20.04 -6.52 2.93
CA GLU A 57 -19.66 -7.92 3.02
C GLU A 57 -18.79 -8.25 1.81
N LYS A 58 -17.50 -7.95 1.92
CA LYS A 58 -16.59 -8.01 0.78
C LYS A 58 -15.19 -8.21 1.33
N VAL A 59 -14.54 -9.29 0.90
CA VAL A 59 -13.36 -9.81 1.59
C VAL A 59 -12.09 -9.69 0.78
N PHE A 60 -10.99 -9.35 1.44
CA PHE A 60 -9.72 -9.14 0.77
C PHE A 60 -8.65 -10.11 1.25
N PRO A 61 -7.69 -10.46 0.36
CA PRO A 61 -6.63 -11.40 0.72
C PRO A 61 -5.40 -10.72 1.36
N LEU A 62 -5.33 -9.39 1.31
CA LEU A 62 -4.21 -8.62 1.85
C LEU A 62 -4.72 -7.48 2.70
N ALA A 63 -4.20 -7.35 3.92
CA ALA A 63 -4.59 -6.26 4.80
C ALA A 63 -4.66 -4.92 4.04
N GLU A 64 -3.58 -4.56 3.38
CA GLU A 64 -3.49 -3.25 2.71
C GLU A 64 -4.52 -3.06 1.60
N TYR A 65 -4.92 -4.17 0.96
CA TYR A 65 -5.95 -4.10 -0.06
C TYR A 65 -7.28 -3.67 0.57
N ARG A 66 -7.58 -4.21 1.75
CA ARG A 66 -8.74 -3.79 2.53
C ARG A 66 -8.62 -2.33 2.99
N THR A 67 -7.45 -1.93 3.47
CA THR A 67 -7.30 -0.57 3.98
C THR A 67 -7.70 0.47 2.93
N LYS A 68 -7.12 0.40 1.73
CA LYS A 68 -7.45 1.42 0.71
C LYS A 68 -8.89 1.33 0.28
N HIS A 69 -9.42 0.12 0.25
CA HIS A 69 -10.84 -0.03 0.04
C HIS A 69 -11.64 0.69 1.12
N GLU A 70 -11.17 0.60 2.37
CA GLU A 70 -11.94 1.12 3.50
C GLU A 70 -11.87 2.64 3.62
N ILE A 71 -10.69 3.21 3.36
CA ILE A 71 -10.54 4.67 3.33
C ILE A 71 -11.43 5.22 2.22
N HIS A 72 -11.61 4.41 1.19
CA HIS A 72 -12.48 4.79 0.11
C HIS A 72 -13.95 4.97 0.55
N HIS A 73 -14.49 4.03 1.34
CA HIS A 73 -15.83 4.16 1.95
C HIS A 73 -15.95 5.45 2.76
N THR A 74 -14.87 5.78 3.44
CA THR A 74 -14.83 6.82 4.46
C THR A 74 -14.76 8.23 3.86
N GLY A 75 -14.08 8.36 2.73
CA GLY A 75 -13.96 9.64 2.04
C GLY A 75 -12.90 10.55 2.60
N GLU A 76 -12.18 10.09 3.61
CA GLU A 76 -11.11 10.86 4.23
C GLU A 76 -10.09 11.20 3.16
N ARG A 77 -9.58 12.43 3.19
CA ARG A 77 -8.56 12.89 2.26
C ARG A 77 -7.24 13.21 2.98
N ARG A 78 -6.39 12.20 3.09
CA ARG A 78 -5.19 12.29 3.93
C ARG A 78 -4.01 12.95 3.25
N TYR A 79 -4.03 13.01 1.92
CA TYR A 79 -2.89 13.54 1.18
C TYR A 79 -3.16 14.99 0.84
N GLN A 80 -2.29 15.90 1.28
CA GLN A 80 -2.49 17.31 0.96
C GLN A 80 -1.33 17.92 0.18
N CYS A 81 -1.65 18.51 -0.97
CA CYS A 81 -0.67 19.27 -1.72
C CYS A 81 -0.30 20.51 -0.92
N LEU A 82 0.99 20.71 -0.69
CA LEU A 82 1.44 21.85 0.10
C LEU A 82 1.54 23.15 -0.69
N ALA A 83 1.58 23.05 -2.02
CA ALA A 83 1.60 24.24 -2.88
C ALA A 83 0.29 25.01 -2.86
N CYS A 84 -0.83 24.31 -2.77
CA CYS A 84 -2.12 25.02 -2.83
C CYS A 84 -3.19 24.59 -1.80
N GLY A 85 -2.91 23.56 -1.02
CA GLY A 85 -3.77 23.15 0.09
C GLY A 85 -4.81 22.09 -0.26
N LYS A 86 -4.99 21.90 -1.57
CA LYS A 86 -5.96 20.96 -2.10
C LYS A 86 -5.69 19.56 -1.54
N SER A 87 -6.72 18.84 -1.12
CA SER A 87 -6.55 17.49 -0.53
C SER A 87 -7.06 16.36 -1.41
N PHE A 88 -6.60 15.14 -1.10
CA PHE A 88 -6.76 13.97 -1.96
C PHE A 88 -6.88 12.69 -1.16
N ILE A 89 -7.54 11.68 -1.74
CA ILE A 89 -7.79 10.44 -1.01
C ILE A 89 -6.59 9.50 -0.97
N ASN A 90 -5.63 9.71 -1.88
CA ASN A 90 -4.46 8.82 -1.97
C ASN A 90 -3.23 9.40 -2.69
N TYR A 91 -2.12 8.65 -2.69
CA TYR A 91 -0.86 9.13 -3.27
C TYR A 91 -1.03 9.39 -4.75
N GLN A 92 -1.70 8.47 -5.43
CA GLN A 92 -1.83 8.53 -6.88
C GLN A 92 -2.46 9.83 -7.36
N PHE A 93 -3.56 10.25 -6.74
CA PHE A 93 -4.27 11.44 -7.20
C PHE A 93 -3.53 12.71 -6.82
N MET A 94 -2.91 12.66 -5.63
CA MET A 94 -2.00 13.72 -5.14
C MET A 94 -0.86 13.94 -6.12
N SER A 95 -0.23 12.87 -6.56
CA SER A 95 0.91 12.96 -7.46
C SER A 95 0.54 13.48 -8.87
N SER A 96 -0.60 13.01 -9.39
CA SER A 96 -1.11 13.49 -10.68
C SER A 96 -1.38 14.99 -10.65
N HIS A 97 -1.91 15.44 -9.51
CA HIS A 97 -2.22 16.84 -9.32
C HIS A 97 -0.94 17.67 -9.33
N ILE A 98 -0.04 17.38 -8.40
CA ILE A 98 1.21 18.13 -8.31
C ILE A 98 1.97 18.14 -9.64
N LYS A 99 2.04 17.01 -10.32
CA LYS A 99 2.76 16.92 -11.59
C LYS A 99 2.10 17.74 -12.69
N SER A 100 0.79 17.62 -12.85
CA SER A 100 0.11 18.28 -13.95
C SER A 100 -0.21 19.75 -13.66
N VAL A 101 -0.45 20.12 -12.41
CA VAL A 101 -0.78 21.51 -12.08
C VAL A 101 0.44 22.30 -11.65
N HIS A 102 1.34 21.68 -10.90
CA HIS A 102 2.50 22.40 -10.37
C HIS A 102 3.83 22.03 -11.08
N SER A 103 3.74 21.19 -12.10
CA SER A 103 4.92 20.64 -12.80
C SER A 103 6.06 20.30 -11.86
N GLN A 104 5.77 19.57 -10.79
CA GLN A 104 6.81 19.07 -9.91
C GLN A 104 6.59 17.61 -9.61
N ASP A 105 7.68 16.98 -9.18
CA ASP A 105 7.70 15.56 -8.86
C ASP A 105 7.78 15.41 -7.34
N PRO A 106 6.73 14.84 -6.72
CA PRO A 106 6.68 14.59 -5.28
C PRO A 106 7.80 13.67 -4.78
N SER A 107 8.13 12.63 -5.54
CA SER A 107 9.21 11.71 -5.17
C SER A 107 10.59 12.38 -5.19
N GLY A 108 10.72 13.35 -6.10
CA GLY A 108 11.93 14.16 -6.21
C GLY A 108 12.19 14.99 -4.97
N ASP A 109 13.31 14.66 -4.32
CA ASP A 109 14.13 15.58 -3.52
C ASP A 109 13.57 16.35 -2.35
N SER A 110 12.33 16.83 -2.44
CA SER A 110 11.74 17.60 -1.35
C SER A 110 10.27 17.28 -1.15
N LYS A 111 9.69 17.82 -0.08
CA LYS A 111 8.36 17.44 0.33
C LYS A 111 7.31 18.43 -0.16
N LEU A 112 6.53 17.94 -1.13
CA LEU A 112 5.54 18.76 -1.80
C LEU A 112 4.17 18.49 -1.24
N TYR A 113 4.05 17.42 -0.47
CA TYR A 113 2.77 17.08 0.18
C TYR A 113 2.88 16.68 1.65
N ARG A 114 1.75 16.70 2.33
CA ARG A 114 1.66 16.22 3.70
C ARG A 114 0.74 15.00 3.71
N LEU A 115 1.11 13.96 4.45
CA LEU A 115 0.21 12.83 4.68
C LEU A 115 -0.28 12.91 6.12
N HIS A 116 -1.54 13.30 6.27
CA HIS A 116 -2.13 13.42 7.58
C HIS A 116 -2.26 12.04 8.21
N PRO A 117 -2.23 11.97 9.55
CA PRO A 117 -2.58 10.72 10.21
C PRO A 117 -3.94 10.26 9.72
N CYS A 118 -4.23 8.96 9.83
CA CYS A 118 -5.54 8.44 9.44
C CYS A 118 -6.50 8.56 10.61
N ARG A 119 -7.52 9.40 10.47
CA ARG A 119 -8.46 9.67 11.57
C ARG A 119 -9.83 9.06 11.43
N SER A 120 -10.20 8.65 10.22
CA SER A 120 -11.57 8.29 9.93
C SER A 120 -11.89 6.83 10.22
N LEU A 121 -10.86 6.04 10.49
CA LEU A 121 -11.00 4.65 10.92
C LEU A 121 -9.80 4.21 11.76
N GLN A 122 -9.86 3.00 12.29
CA GLN A 122 -8.82 2.50 13.18
C GLN A 122 -7.77 1.64 12.47
N ILE A 123 -6.67 2.26 12.01
CA ILE A 123 -5.47 1.50 11.60
C ILE A 123 -4.24 1.89 12.42
N ARG A 124 -3.11 1.21 12.17
CA ARG A 124 -1.83 1.58 12.75
C ARG A 124 -1.47 3.04 12.43
N GLN A 125 -0.89 3.74 13.42
CA GLN A 125 -0.56 5.17 13.27
C GLN A 125 0.93 5.44 13.45
N TYR A 126 1.57 5.94 12.40
CA TYR A 126 3.03 6.12 12.40
C TYR A 126 3.49 7.36 13.14
N ALA A 127 4.37 7.15 14.11
CA ALA A 127 4.92 8.21 14.98
C ALA A 127 5.67 9.34 14.23
N TYR A 128 5.86 9.14 12.92
CA TYR A 128 6.53 10.13 12.08
C TYR A 128 5.54 10.96 11.27
N LEU A 129 4.36 10.38 11.02
CA LEU A 129 3.33 10.98 10.18
C LEU A 129 2.83 12.35 10.67
#